data_6WN7
#
_entry.id   6WN7
#
_cell.length_a   76.280
_cell.length_b   76.280
_cell.length_c   84.240
_cell.angle_alpha   90.000
_cell.angle_beta   90.000
_cell.angle_gamma   120.000
#
_symmetry.space_group_name_H-M   'P 32'
#
loop_
_entity.id
_entity.type
_entity.pdbx_description
1 polymer 'Protein S100-A5'
2 non-polymer 'CALCIUM ION'
3 water water
#
_entity_poly.entity_id   1
_entity_poly.type   'polypeptide(L)'
_entity_poly.pdbx_seq_one_letter_code
;SNAMETPLEKALTTMVTTFHKYSGREGSKLTLSRKELKELIKKELSLGEMKESSIDDLMKSLDKNSDQEIDFKEYSVFLT
MLSMAYNDFFLEDNK
;
_entity_poly.pdbx_strand_id   A,B,C,D,F,E
#
# COMPACT_ATOMS: atom_id res chain seq x y z
N ASN A 2 2.71 -38.91 10.48
CA ASN A 2 3.86 -38.28 11.18
C ASN A 2 3.40 -37.47 12.38
N ALA A 3 3.50 -38.07 13.57
CA ALA A 3 2.97 -37.44 14.77
C ALA A 3 3.66 -36.14 15.10
N MET A 4 4.85 -35.92 14.54
CA MET A 4 5.67 -34.78 14.94
C MET A 4 5.30 -33.51 14.21
N GLU A 5 4.44 -33.64 13.23
CA GLU A 5 3.93 -32.42 12.55
C GLU A 5 3.13 -31.58 13.54
N THR A 6 3.21 -30.26 13.38
CA THR A 6 2.46 -29.34 14.20
C THR A 6 0.98 -29.43 13.87
N PRO A 7 0.11 -28.89 14.74
CA PRO A 7 -1.33 -28.86 14.41
C PRO A 7 -1.62 -28.19 13.08
N LEU A 8 -0.88 -27.13 12.75
CA LEU A 8 -1.09 -26.44 11.48
C LEU A 8 -0.60 -27.28 10.32
N GLU A 9 0.52 -27.97 10.49
CA GLU A 9 1.01 -28.83 9.44
C GLU A 9 0.04 -29.96 9.15
N LYS A 10 -0.51 -30.59 10.18
CA LYS A 10 -1.49 -31.63 9.94
C LYS A 10 -2.72 -31.08 9.22
N ALA A 11 -3.17 -29.90 9.63
CA ALA A 11 -4.29 -29.26 8.95
C ALA A 11 -4.01 -29.09 7.47
N LEU A 12 -2.89 -28.47 7.13
CA LEU A 12 -2.56 -28.24 5.73
C LEU A 12 -2.42 -29.54 4.97
N THR A 13 -1.96 -30.60 5.63
CA THR A 13 -1.85 -31.89 4.97
C THR A 13 -3.23 -32.44 4.66
N THR A 14 -4.16 -32.26 5.58
CA THR A 14 -5.52 -32.73 5.36
C THR A 14 -6.19 -31.97 4.23
N MET A 15 -5.95 -30.67 4.14
N MET A 15 -5.93 -30.67 4.14
CA MET A 15 -6.48 -29.91 3.01
CA MET A 15 -6.45 -29.87 3.04
C MET A 15 -6.01 -30.51 1.70
C MET A 15 -5.97 -30.40 1.69
N VAL A 16 -4.74 -30.92 1.63
CA VAL A 16 -4.19 -31.45 0.39
C VAL A 16 -4.72 -32.85 0.10
N THR A 17 -4.72 -33.75 1.11
CA THR A 17 -5.16 -35.12 0.84
C THR A 17 -6.65 -35.19 0.51
N THR A 18 -7.46 -34.31 1.10
CA THR A 18 -8.90 -34.30 0.83
C THR A 18 -9.20 -34.00 -0.64
N PHE A 19 -8.45 -33.09 -1.25
CA PHE A 19 -8.59 -32.82 -2.68
C PHE A 19 -8.34 -34.07 -3.50
N HIS A 20 -7.18 -34.72 -3.28
CA HIS A 20 -6.79 -35.85 -4.12
C HIS A 20 -7.65 -37.08 -3.85
N LYS A 21 -8.23 -37.18 -2.66
CA LYS A 21 -9.17 -38.27 -2.38
C LYS A 21 -10.39 -38.23 -3.29
N TYR A 22 -10.82 -37.04 -3.72
CA TYR A 22 -12.00 -36.92 -4.56
C TYR A 22 -11.68 -36.60 -6.02
N SER A 23 -10.51 -36.07 -6.33
CA SER A 23 -10.19 -35.73 -7.71
C SER A 23 -9.90 -36.96 -8.56
N GLY A 24 -9.72 -38.11 -7.94
CA GLY A 24 -9.31 -39.27 -8.70
C GLY A 24 -10.42 -40.24 -9.01
N ARG A 25 -11.67 -39.79 -8.94
CA ARG A 25 -12.80 -40.66 -9.18
C ARG A 25 -13.16 -40.75 -10.66
N GLU A 26 -13.12 -39.64 -11.37
CA GLU A 26 -13.35 -39.64 -12.80
C GLU A 26 -12.41 -38.62 -13.42
N GLY A 27 -12.23 -38.75 -14.71
CA GLY A 27 -11.45 -37.76 -15.39
C GLY A 27 -10.00 -37.74 -14.94
N SER A 28 -9.38 -36.59 -15.14
CA SER A 28 -8.07 -36.35 -14.56
C SER A 28 -8.13 -36.57 -13.05
N LYS A 29 -7.09 -37.20 -12.51
CA LYS A 29 -6.93 -37.27 -11.06
C LYS A 29 -6.35 -35.98 -10.49
N LEU A 30 -5.99 -35.02 -11.34
CA LEU A 30 -5.46 -33.75 -10.87
C LEU A 30 -6.53 -32.69 -10.64
N THR A 31 -7.75 -32.96 -11.04
CA THR A 31 -8.79 -31.95 -10.97
C THR A 31 -10.09 -32.57 -10.50
N LEU A 32 -10.94 -31.72 -9.94
CA LEU A 32 -12.30 -32.07 -9.56
C LEU A 32 -13.27 -31.62 -10.65
N SER A 33 -14.04 -32.58 -11.16
CA SER A 33 -15.27 -32.32 -11.89
C SER A 33 -16.32 -31.75 -10.94
N ARG A 34 -17.44 -31.26 -11.51
CA ARG A 34 -18.54 -30.79 -10.67
C ARG A 34 -19.06 -31.92 -9.80
N LYS A 35 -19.20 -33.12 -10.37
CA LYS A 35 -19.62 -34.28 -9.61
C LYS A 35 -18.66 -34.51 -8.45
N GLU A 36 -17.36 -34.50 -8.73
CA GLU A 36 -16.35 -34.72 -7.70
C GLU A 36 -16.37 -33.63 -6.64
N LEU A 37 -16.42 -32.37 -7.07
CA LEU A 37 -16.57 -31.29 -6.10
C LEU A 37 -17.78 -31.52 -5.18
N LYS A 38 -18.95 -31.77 -5.76
CA LYS A 38 -20.14 -31.90 -4.93
C LYS A 38 -19.99 -33.05 -3.95
N GLU A 39 -19.28 -34.10 -4.33
CA GLU A 39 -19.12 -35.26 -3.46
C GLU A 39 -18.16 -34.96 -2.30
N LEU A 40 -17.15 -34.13 -2.53
CA LEU A 40 -16.34 -33.63 -1.42
C LEU A 40 -17.13 -32.68 -0.52
N ILE A 41 -17.90 -31.79 -1.13
CA ILE A 41 -18.77 -30.90 -0.38
C ILE A 41 -19.76 -31.70 0.47
N LYS A 42 -20.41 -32.70 -0.14
CA LYS A 42 -21.45 -33.44 0.56
C LYS A 42 -20.88 -34.22 1.74
N LYS A 43 -19.70 -34.82 1.56
CA LYS A 43 -19.14 -35.74 2.52
C LYS A 43 -18.20 -35.09 3.52
N GLU A 44 -17.47 -34.04 3.12
CA GLU A 44 -16.44 -33.46 3.98
C GLU A 44 -16.84 -32.14 4.61
N LEU A 45 -17.88 -31.51 4.13
CA LEU A 45 -18.29 -30.23 4.65
C LEU A 45 -19.73 -30.31 5.11
N SER A 46 -20.20 -29.21 5.64
CA SER A 46 -21.54 -29.12 6.20
C SER A 46 -22.26 -28.00 5.52
N LEU A 47 -22.64 -28.21 4.27
CA LEU A 47 -23.30 -27.22 3.43
C LEU A 47 -24.67 -27.69 2.94
N GLY A 48 -25.43 -28.36 3.81
CA GLY A 48 -26.73 -28.87 3.41
C GLY A 48 -27.92 -28.04 3.88
N SER A 53 -28.21 -25.59 -7.43
CA SER A 53 -28.03 -24.51 -8.40
C SER A 53 -26.93 -23.53 -7.98
N SER A 54 -26.55 -23.57 -6.68
CA SER A 54 -25.53 -22.70 -6.12
C SER A 54 -24.16 -23.38 -5.99
N ILE A 55 -24.12 -24.70 -6.21
CA ILE A 55 -22.86 -25.35 -6.59
C ILE A 55 -22.40 -24.86 -7.94
N ASP A 56 -23.23 -25.04 -8.96
CA ASP A 56 -22.83 -24.65 -10.31
C ASP A 56 -22.41 -23.19 -10.37
N ASP A 57 -23.02 -22.36 -9.51
CA ASP A 57 -22.49 -20.99 -9.39
C ASP A 57 -21.17 -20.96 -8.62
N LEU A 58 -21.02 -21.77 -7.57
CA LEU A 58 -19.72 -21.95 -6.93
C LEU A 58 -18.75 -22.50 -7.96
N MET A 59 -19.14 -23.53 -8.68
CA MET A 59 -18.30 -24.12 -9.70
C MET A 59 -17.73 -23.05 -10.62
N LYS A 60 -18.55 -22.10 -11.03
CA LYS A 60 -18.13 -21.09 -11.99
C LYS A 60 -17.18 -20.08 -11.36
N SER A 61 -17.51 -19.59 -10.17
CA SER A 61 -16.61 -18.66 -9.48
C SER A 61 -15.21 -19.24 -9.30
N LEU A 62 -15.11 -20.57 -9.14
CA LEU A 62 -13.84 -21.19 -8.83
C LEU A 62 -13.01 -21.48 -10.08
N ASP A 63 -13.67 -21.63 -11.22
CA ASP A 63 -13.03 -22.17 -12.41
C ASP A 63 -12.40 -21.06 -13.25
N LYS A 64 -11.43 -20.37 -12.63
CA LYS A 64 -10.83 -19.18 -13.19
C LYS A 64 -10.29 -19.36 -14.61
N ASN A 65 -9.84 -20.56 -14.98
CA ASN A 65 -9.40 -20.80 -16.35
C ASN A 65 -10.52 -21.30 -17.26
N SER A 66 -11.72 -21.47 -16.74
CA SER A 66 -12.90 -21.84 -17.50
C SER A 66 -12.80 -23.21 -18.16
N ASP A 67 -11.96 -24.11 -17.65
CA ASP A 67 -11.77 -25.41 -18.25
C ASP A 67 -12.76 -26.46 -17.77
N GLN A 68 -13.76 -26.08 -16.97
CA GLN A 68 -14.79 -26.98 -16.49
C GLN A 68 -14.31 -27.86 -15.33
N GLU A 69 -13.09 -27.68 -14.84
CA GLU A 69 -12.50 -28.54 -13.82
C GLU A 69 -11.89 -27.67 -12.74
N ILE A 70 -11.90 -28.15 -11.51
CA ILE A 70 -11.27 -27.43 -10.41
C ILE A 70 -9.93 -28.10 -10.09
N ASP A 71 -8.83 -27.40 -10.30
CA ASP A 71 -7.51 -27.90 -9.93
C ASP A 71 -7.19 -27.51 -8.50
N PHE A 72 -5.99 -27.86 -8.06
CA PHE A 72 -5.63 -27.63 -6.65
C PHE A 72 -5.65 -26.11 -6.30
N LYS A 73 -5.09 -25.27 -7.21
CA LYS A 73 -5.05 -23.82 -6.92
C LYS A 73 -6.50 -23.24 -6.88
N GLU A 74 -7.39 -23.77 -7.71
CA GLU A 74 -8.77 -23.30 -7.65
C GLU A 74 -9.49 -23.79 -6.39
N TYR A 75 -9.14 -24.99 -5.92
CA TYR A 75 -9.71 -25.51 -4.66
C TYR A 75 -9.17 -24.79 -3.44
N SER A 76 -7.94 -24.29 -3.51
N SER A 76 -7.94 -24.29 -3.51
CA SER A 76 -7.40 -23.51 -2.40
CA SER A 76 -7.41 -23.52 -2.38
C SER A 76 -8.20 -22.24 -2.17
C SER A 76 -8.18 -22.22 -2.17
N VAL A 77 -8.69 -21.62 -3.24
CA VAL A 77 -9.52 -20.43 -3.10
C VAL A 77 -10.83 -20.78 -2.42
N PHE A 78 -11.40 -21.92 -2.77
CA PHE A 78 -12.62 -22.40 -2.13
C PHE A 78 -12.41 -22.59 -0.63
N LEU A 79 -11.30 -23.23 -0.25
CA LEU A 79 -11.00 -23.43 1.17
C LEU A 79 -10.88 -22.11 1.90
N THR A 80 -10.21 -21.12 1.29
CA THR A 80 -10.07 -19.81 1.94
C THR A 80 -11.41 -19.12 2.11
N MET A 81 -12.33 -19.28 1.16
CA MET A 81 -13.68 -18.77 1.33
C MET A 81 -14.32 -19.30 2.61
N LEU A 82 -14.29 -20.61 2.79
CA LEU A 82 -14.86 -21.24 3.97
C LEU A 82 -14.17 -20.79 5.24
N SER A 83 -12.85 -20.61 5.19
N SER A 83 -12.85 -20.59 5.20
CA SER A 83 -12.10 -20.16 6.35
CA SER A 83 -12.14 -20.18 6.40
C SER A 83 -12.49 -18.76 6.74
C SER A 83 -12.40 -18.73 6.76
N MET A 84 -12.63 -17.87 5.75
CA MET A 84 -12.97 -16.49 6.02
C MET A 84 -14.37 -16.35 6.59
N ALA A 85 -15.31 -17.17 6.13
CA ALA A 85 -16.65 -17.13 6.69
C ALA A 85 -16.63 -17.35 8.20
N TYR A 86 -15.80 -18.27 8.70
CA TYR A 86 -15.64 -18.44 10.15
C TYR A 86 -14.79 -17.32 10.76
N ASN A 87 -13.71 -16.92 10.09
CA ASN A 87 -12.87 -15.84 10.61
C ASN A 87 -13.65 -14.54 10.76
N ASP A 88 -14.55 -14.26 9.82
CA ASP A 88 -15.28 -12.99 9.89
C ASP A 88 -15.94 -12.83 11.26
N PHE A 89 -16.47 -13.92 11.81
CA PHE A 89 -17.26 -13.91 13.04
C PHE A 89 -16.55 -14.62 14.21
N PHE A 90 -15.23 -14.69 14.17
CA PHE A 90 -14.48 -15.31 15.24
C PHE A 90 -14.76 -14.62 16.57
N LEU A 91 -15.19 -15.42 17.55
CA LEU A 91 -15.35 -14.99 18.92
C LEU A 91 -14.32 -15.75 19.75
N GLU A 92 -13.49 -15.03 20.48
CA GLU A 92 -12.46 -15.65 21.28
C GLU A 92 -13.09 -16.58 22.32
N GLU B 5 -16.08 -31.11 12.65
CA GLU B 5 -16.24 -32.53 12.93
C GLU B 5 -15.57 -33.46 11.92
N THR B 6 -15.59 -33.13 10.61
CA THR B 6 -14.76 -33.87 9.68
C THR B 6 -13.31 -33.44 9.85
N PRO B 7 -12.34 -34.22 9.36
CA PRO B 7 -10.95 -33.72 9.36
C PRO B 7 -10.80 -32.43 8.57
N LEU B 8 -11.42 -32.32 7.41
CA LEU B 8 -11.31 -31.08 6.65
C LEU B 8 -11.93 -29.90 7.41
N GLU B 9 -13.05 -30.14 8.10
CA GLU B 9 -13.67 -29.04 8.85
C GLU B 9 -12.78 -28.62 10.00
N LYS B 10 -12.19 -29.57 10.71
CA LYS B 10 -11.29 -29.20 11.79
C LYS B 10 -10.03 -28.52 11.28
N ALA B 11 -9.60 -28.86 10.07
CA ALA B 11 -8.43 -28.25 9.47
C ALA B 11 -8.66 -26.78 9.19
N LEU B 12 -9.81 -26.45 8.62
CA LEU B 12 -10.13 -25.05 8.35
C LEU B 12 -10.31 -24.27 9.64
N THR B 13 -10.89 -24.89 10.66
CA THR B 13 -11.00 -24.24 11.96
C THR B 13 -9.62 -23.94 12.52
N THR B 14 -8.67 -24.85 12.30
CA THR B 14 -7.31 -24.67 12.79
C THR B 14 -6.62 -23.50 12.08
N MET B 15 -6.88 -23.31 10.80
CA MET B 15 -6.31 -22.17 10.11
C MET B 15 -6.66 -20.88 10.83
N VAL B 16 -7.90 -20.78 11.32
CA VAL B 16 -8.42 -19.57 11.93
C VAL B 16 -7.87 -19.40 13.35
N THR B 17 -8.03 -20.41 14.19
CA THR B 17 -7.61 -20.26 15.58
C THR B 17 -6.10 -20.11 15.68
N THR B 18 -5.32 -20.72 14.79
CA THR B 18 -3.88 -20.50 14.84
C THR B 18 -3.53 -19.04 14.60
N PHE B 19 -4.08 -18.45 13.53
CA PHE B 19 -3.88 -17.03 13.27
C PHE B 19 -4.17 -16.22 14.52
N HIS B 20 -5.32 -16.46 15.14
CA HIS B 20 -5.79 -15.66 16.27
C HIS B 20 -4.97 -15.90 17.52
N LYS B 21 -4.45 -17.11 17.73
CA LYS B 21 -3.52 -17.34 18.83
C LYS B 21 -2.42 -16.29 18.85
N TYR B 22 -1.92 -15.89 17.68
CA TYR B 22 -0.81 -14.96 17.61
C TYR B 22 -1.22 -13.53 17.26
N SER B 23 -2.31 -13.33 16.52
CA SER B 23 -2.70 -11.97 16.15
C SER B 23 -3.20 -11.15 17.34
N GLY B 24 -3.72 -11.78 18.37
CA GLY B 24 -4.22 -11.06 19.54
C GLY B 24 -3.22 -10.68 20.61
N ARG B 25 -1.93 -10.97 20.43
CA ARG B 25 -0.93 -10.70 21.47
C ARG B 25 -0.65 -9.21 21.62
N GLU B 26 -0.60 -8.46 20.52
CA GLU B 26 -0.31 -7.04 20.59
C GLU B 26 -0.97 -6.28 19.45
N GLY B 27 -1.17 -4.99 19.68
CA GLY B 27 -1.76 -4.19 18.64
C GLY B 27 -3.17 -4.64 18.35
N SER B 28 -3.59 -4.40 17.11
CA SER B 28 -4.87 -4.93 16.67
C SER B 28 -4.91 -6.43 16.94
N LYS B 29 -6.02 -6.88 17.51
CA LYS B 29 -6.19 -8.30 17.76
C LYS B 29 -6.51 -9.07 16.51
N LEU B 30 -6.71 -8.39 15.37
CA LEU B 30 -7.14 -9.02 14.13
C LEU B 30 -6.03 -9.07 13.08
N THR B 31 -4.83 -8.62 13.40
CA THR B 31 -3.73 -8.60 12.45
C THR B 31 -2.46 -9.04 13.16
N LEU B 32 -1.55 -9.63 12.40
CA LEU B 32 -0.24 -10.04 12.89
C LEU B 32 0.78 -8.94 12.65
N SER B 33 1.41 -8.47 13.69
CA SER B 33 2.59 -7.65 13.54
C SER B 33 3.74 -8.50 13.00
N ARG B 34 4.85 -7.84 12.68
CA ARG B 34 6.03 -8.60 12.31
C ARG B 34 6.47 -9.51 13.44
N LYS B 35 6.41 -9.04 14.69
CA LYS B 35 6.71 -9.90 15.84
C LYS B 35 5.79 -11.12 15.88
N GLU B 36 4.49 -10.89 15.70
CA GLU B 36 3.55 -11.98 15.83
C GLU B 36 3.70 -12.99 14.70
N LEU B 37 4.01 -12.52 13.49
CA LEU B 37 4.21 -13.42 12.37
C LEU B 37 5.43 -14.30 12.59
N LYS B 38 6.52 -13.71 13.06
CA LYS B 38 7.73 -14.48 13.34
C LYS B 38 7.50 -15.51 14.43
N GLU B 39 6.74 -15.16 15.45
CA GLU B 39 6.46 -16.14 16.52
C GLU B 39 5.52 -17.25 16.06
N LEU B 40 4.52 -16.91 15.26
CA LEU B 40 3.69 -17.94 14.64
C LEU B 40 4.57 -18.93 13.87
N ILE B 41 5.43 -18.42 12.99
CA ILE B 41 6.23 -19.32 12.17
C ILE B 41 7.15 -20.16 13.04
N LYS B 42 7.76 -19.52 14.04
CA LYS B 42 8.69 -20.24 14.90
C LYS B 42 7.99 -21.42 15.57
N LYS B 43 6.81 -21.20 16.12
CA LYS B 43 6.18 -22.21 16.95
C LYS B 43 5.35 -23.21 16.15
N GLU B 44 4.70 -22.77 15.10
CA GLU B 44 3.66 -23.59 14.48
C GLU B 44 4.17 -24.36 13.27
N LEU B 45 5.37 -24.04 12.78
N LEU B 45 5.37 -24.03 12.79
CA LEU B 45 6.01 -24.78 11.72
CA LEU B 45 6.02 -24.77 11.71
C LEU B 45 7.27 -25.44 12.25
C LEU B 45 7.25 -25.46 12.27
N SER B 46 7.67 -26.52 11.58
CA SER B 46 8.78 -27.35 12.06
C SER B 46 10.12 -26.90 11.48
N LEU B 47 11.07 -26.60 12.36
CA LEU B 47 12.44 -26.32 11.97
C LEU B 47 12.53 -25.27 10.88
N GLY B 48 13.73 -25.02 10.38
CA GLY B 48 13.92 -24.13 9.26
C GLY B 48 13.99 -22.69 9.67
N GLU B 49 14.60 -22.40 10.84
CA GLU B 49 14.49 -21.08 11.49
C GLU B 49 14.65 -19.94 10.49
N MET B 50 13.68 -19.01 10.52
CA MET B 50 13.67 -17.94 9.53
C MET B 50 14.53 -16.78 10.03
N LYS B 51 15.51 -16.38 9.21
CA LYS B 51 16.39 -15.26 9.53
C LYS B 51 15.64 -13.93 9.41
N GLU B 52 16.20 -12.90 10.06
CA GLU B 52 15.55 -11.60 10.11
C GLU B 52 15.35 -11.04 8.72
N SER B 53 16.33 -11.27 7.83
CA SER B 53 16.22 -10.94 6.41
C SER B 53 15.04 -11.63 5.73
N SER B 54 14.74 -12.88 6.13
CA SER B 54 13.69 -13.67 5.52
C SER B 54 12.30 -13.25 6.00
N ILE B 55 12.20 -12.90 7.28
CA ILE B 55 10.98 -12.36 7.84
C ILE B 55 10.65 -11.02 7.20
N ASP B 56 11.67 -10.17 7.02
CA ASP B 56 11.46 -8.90 6.33
C ASP B 56 10.83 -9.12 4.97
N ASP B 57 11.41 -10.02 4.19
CA ASP B 57 10.99 -10.16 2.81
C ASP B 57 9.58 -10.73 2.74
N LEU B 58 9.27 -11.70 3.59
CA LEU B 58 7.93 -12.30 3.60
C LEU B 58 6.90 -11.29 4.13
N MET B 59 7.30 -10.51 5.08
CA MET B 59 6.44 -9.46 5.60
C MET B 59 6.05 -8.45 4.47
N LYS B 60 7.07 -7.99 3.79
CA LYS B 60 6.84 -7.03 2.70
C LYS B 60 6.08 -7.65 1.55
N SER B 61 6.24 -8.95 1.29
CA SER B 61 5.49 -9.57 0.21
C SER B 61 4.00 -9.76 0.55
N LEU B 62 3.70 -9.96 1.84
CA LEU B 62 2.34 -10.25 2.28
C LEU B 62 1.55 -8.99 2.56
N ASP B 63 2.23 -7.92 2.93
CA ASP B 63 1.58 -6.71 3.44
C ASP B 63 1.20 -5.78 2.28
N LYS B 64 0.16 -6.19 1.56
CA LYS B 64 -0.24 -5.53 0.32
C LYS B 64 -0.75 -4.10 0.52
N ASN B 65 -1.10 -3.71 1.73
CA ASN B 65 -1.55 -2.35 2.00
C ASN B 65 -0.54 -1.53 2.83
N SER B 66 0.65 -2.08 3.07
CA SER B 66 1.76 -1.38 3.73
C SER B 66 1.38 -0.77 5.08
N ASP B 67 0.66 -1.51 5.91
CA ASP B 67 0.28 -0.97 7.21
C ASP B 67 1.20 -1.67 8.24
N GLN B 68 2.08 -2.60 7.80
CA GLN B 68 2.99 -3.35 8.66
C GLN B 68 2.27 -4.36 9.53
N GLU B 69 1.09 -4.76 9.10
CA GLU B 69 0.31 -5.79 9.76
C GLU B 69 -0.14 -6.76 8.70
N ILE B 70 -0.27 -8.02 9.08
CA ILE B 70 -0.74 -9.10 8.20
C ILE B 70 -2.13 -9.48 8.65
N ASP B 71 -3.13 -9.15 7.85
CA ASP B 71 -4.52 -9.52 8.16
C ASP B 71 -4.81 -10.92 7.64
N PHE B 72 -6.00 -11.43 7.95
CA PHE B 72 -6.24 -12.83 7.61
C PHE B 72 -6.16 -13.05 6.11
N LYS B 73 -6.55 -12.08 5.30
CA LYS B 73 -6.50 -12.28 3.86
C LYS B 73 -5.07 -12.35 3.34
N GLU B 74 -4.22 -11.44 3.80
CA GLU B 74 -2.80 -11.51 3.48
C GLU B 74 -2.16 -12.78 4.02
N TYR B 75 -2.51 -13.18 5.25
N TYR B 75 -2.52 -13.17 5.24
CA TYR B 75 -2.00 -14.41 5.84
CA TYR B 75 -2.01 -14.39 5.84
C TYR B 75 -2.46 -15.65 5.08
C TYR B 75 -2.44 -15.61 5.05
N SER B 76 -3.61 -15.56 4.43
CA SER B 76 -4.08 -16.70 3.66
C SER B 76 -3.21 -17.00 2.46
N VAL B 77 -2.44 -16.01 1.98
CA VAL B 77 -1.51 -16.23 0.88
C VAL B 77 -0.33 -17.07 1.36
N PHE B 78 0.08 -16.90 2.61
CA PHE B 78 1.15 -17.72 3.17
C PHE B 78 0.70 -19.17 3.32
N LEU B 79 -0.49 -19.39 3.88
CA LEU B 79 -1.03 -20.73 3.98
C LEU B 79 -1.06 -21.42 2.62
N THR B 80 -1.44 -20.69 1.58
CA THR B 80 -1.45 -21.25 0.24
C THR B 80 -0.04 -21.63 -0.22
N MET B 81 0.97 -20.80 0.08
CA MET B 81 2.33 -21.21 -0.27
C MET B 81 2.66 -22.54 0.37
N LEU B 82 2.26 -22.73 1.62
CA LEU B 82 2.59 -23.96 2.32
C LEU B 82 1.80 -25.12 1.77
N SER B 83 0.50 -24.93 1.52
N SER B 83 0.51 -24.94 1.48
CA SER B 83 -0.30 -25.98 0.88
CA SER B 83 -0.26 -26.06 0.91
C SER B 83 0.30 -26.37 -0.45
C SER B 83 0.21 -26.39 -0.50
N MET B 84 0.58 -25.38 -1.29
CA MET B 84 1.12 -25.63 -2.61
C MET B 84 2.40 -26.44 -2.52
N ALA B 85 3.23 -26.13 -1.53
CA ALA B 85 4.47 -26.85 -1.34
C ALA B 85 4.21 -28.30 -0.97
N TYR B 86 3.28 -28.53 -0.04
CA TYR B 86 2.99 -29.92 0.29
C TYR B 86 2.27 -30.62 -0.86
N ASN B 87 1.45 -29.89 -1.62
CA ASN B 87 0.81 -30.53 -2.76
C ASN B 87 1.86 -31.08 -3.72
N ASP B 88 2.86 -30.28 -4.04
CA ASP B 88 3.96 -30.75 -4.88
C ASP B 88 4.62 -31.98 -4.29
N PHE B 89 4.80 -32.02 -2.97
CA PHE B 89 5.38 -33.19 -2.33
C PHE B 89 4.46 -34.39 -2.48
N PHE B 90 3.15 -34.20 -2.27
CA PHE B 90 2.21 -35.31 -2.34
C PHE B 90 2.14 -35.86 -3.75
N LEU B 91 2.18 -34.97 -4.73
CA LEU B 91 2.15 -35.43 -6.11
C LEU B 91 3.36 -36.32 -6.40
N GLU B 92 4.57 -35.83 -6.12
CA GLU B 92 5.75 -36.66 -6.32
C GLU B 92 5.61 -37.99 -5.59
N ASP B 93 5.23 -37.96 -4.32
CA ASP B 93 5.08 -39.17 -3.50
C ASP B 93 4.02 -40.13 -4.03
N ASN B 94 3.05 -39.64 -4.80
CA ASN B 94 1.95 -40.46 -5.33
C ASN B 94 1.76 -40.31 -6.85
N ASN C 2 -0.54 31.28 23.61
CA ASN C 2 -1.32 31.30 24.90
C ASN C 2 -0.42 31.31 26.13
N ALA C 3 -0.51 32.39 26.91
CA ALA C 3 0.35 32.65 28.06
C ALA C 3 0.16 31.67 29.19
N MET C 4 -0.89 30.85 29.14
CA MET C 4 -1.22 29.88 30.17
C MET C 4 -0.89 28.43 29.77
N GLU C 5 -0.47 28.23 28.54
CA GLU C 5 -0.13 26.90 28.09
C GLU C 5 1.01 26.34 28.94
N THR C 6 1.03 25.02 29.08
CA THR C 6 2.06 24.38 29.88
C THR C 6 3.32 24.23 29.06
N PRO C 7 4.43 23.88 29.71
CA PRO C 7 5.68 23.62 28.98
C PRO C 7 5.54 22.54 27.90
N LEU C 8 4.85 21.44 28.21
CA LEU C 8 4.62 20.44 27.18
C LEU C 8 3.79 20.98 26.02
N GLU C 9 2.79 21.82 26.32
CA GLU C 9 1.99 22.43 25.26
C GLU C 9 2.81 23.44 24.45
N LYS C 10 3.63 24.24 25.11
CA LYS C 10 4.53 25.12 24.39
C LYS C 10 5.44 24.33 23.46
N ALA C 11 5.96 23.20 23.96
CA ALA C 11 6.80 22.34 23.14
C ALA C 11 6.04 21.81 21.93
N LEU C 12 4.84 21.29 22.15
CA LEU C 12 4.10 20.72 21.02
C LEU C 12 3.73 21.79 20.02
N THR C 13 3.40 23.00 20.50
CA THR C 13 3.15 24.12 19.60
C THR C 13 4.38 24.41 18.76
N THR C 14 5.56 24.34 19.37
CA THR C 14 6.78 24.63 18.62
C THR C 14 7.02 23.60 17.52
N MET C 15 6.72 22.34 17.81
CA MET C 15 6.87 21.31 16.79
C MET C 15 6.00 21.60 15.57
N VAL C 16 4.79 22.11 15.76
N VAL C 16 4.80 22.12 15.79
CA VAL C 16 3.94 22.32 14.59
CA VAL C 16 3.86 22.38 14.71
C VAL C 16 4.27 23.64 13.87
C VAL C 16 4.27 23.62 13.92
N THR C 17 4.52 24.72 14.61
CA THR C 17 4.80 25.98 13.91
C THR C 17 6.14 25.97 13.20
N THR C 18 7.11 25.19 13.70
CA THR C 18 8.37 25.06 13.00
C THR C 18 8.17 24.36 11.67
N PHE C 19 7.36 23.30 11.66
CA PHE C 19 7.05 22.59 10.42
C PHE C 19 6.54 23.55 9.36
N HIS C 20 5.55 24.39 9.73
CA HIS C 20 4.89 25.25 8.76
C HIS C 20 5.77 26.40 8.32
N LYS C 21 6.69 26.85 9.16
CA LYS C 21 7.63 27.88 8.72
C LYS C 21 8.39 27.41 7.48
N TYR C 22 8.88 26.19 7.51
CA TYR C 22 9.71 25.67 6.43
C TYR C 22 8.90 25.05 5.30
N SER C 23 7.70 24.52 5.59
CA SER C 23 6.93 23.87 4.55
C SER C 23 6.32 24.86 3.56
N GLY C 24 6.13 26.10 3.94
CA GLY C 24 5.49 27.06 3.08
C GLY C 24 6.40 27.86 2.17
N ARG C 25 7.66 27.48 2.05
CA ARG C 25 8.58 28.27 1.26
C ARG C 25 8.45 28.00 -0.23
N GLU C 26 8.21 26.75 -0.62
CA GLU C 26 8.14 26.37 -2.02
C GLU C 26 7.12 25.25 -2.20
N GLY C 27 6.73 25.03 -3.46
CA GLY C 27 5.82 23.92 -3.76
C GLY C 27 4.59 23.94 -2.90
N SER C 28 4.11 22.77 -2.50
CA SER C 28 2.98 22.73 -1.58
C SER C 28 3.34 23.39 -0.25
N LYS C 29 2.42 24.17 0.27
CA LYS C 29 2.64 24.83 1.55
C LYS C 29 2.35 23.90 2.72
N LEU C 30 1.91 22.67 2.47
CA LEU C 30 1.55 21.73 3.53
C LEU C 30 2.56 20.62 3.70
N THR C 31 3.59 20.57 2.86
CA THR C 31 4.59 19.54 2.93
C THR C 31 5.96 20.16 2.76
N LEU C 32 6.97 19.41 3.21
CA LEU C 32 8.37 19.78 3.06
C LEU C 32 9.02 19.00 1.91
N SER C 33 9.71 19.71 1.04
CA SER C 33 10.54 19.03 0.07
C SER C 33 11.83 18.60 0.74
N ARG C 34 12.65 17.83 0.01
CA ARG C 34 13.98 17.55 0.52
C ARG C 34 14.68 18.87 0.83
N LYS C 35 14.42 19.88 0.02
CA LYS C 35 15.12 21.14 0.18
C LYS C 35 14.67 21.87 1.43
N GLU C 36 13.36 21.96 1.63
CA GLU C 36 12.84 22.58 2.84
C GLU C 36 13.19 21.76 4.07
N LEU C 37 13.14 20.43 3.98
CA LEU C 37 13.55 19.60 5.10
C LEU C 37 15.01 19.87 5.46
N LYS C 38 15.88 19.94 4.45
CA LYS C 38 17.29 20.26 4.70
C LYS C 38 17.46 21.65 5.34
N GLU C 39 16.70 22.63 4.87
CA GLU C 39 16.73 23.95 5.50
C GLU C 39 16.34 23.87 6.98
N LEU C 40 15.27 23.14 7.29
CA LEU C 40 14.81 23.02 8.68
C LEU C 40 15.87 22.37 9.57
N ILE C 41 16.45 21.27 9.10
CA ILE C 41 17.50 20.63 9.88
C ILE C 41 18.66 21.59 10.09
N LYS C 42 19.09 22.27 9.04
CA LYS C 42 20.28 23.11 9.16
C LYS C 42 20.08 24.16 10.24
N LYS C 43 18.94 24.82 10.21
CA LYS C 43 18.71 25.99 11.04
C LYS C 43 18.20 25.67 12.43
N GLU C 44 17.51 24.55 12.60
CA GLU C 44 16.77 24.29 13.83
C GLU C 44 17.29 23.08 14.59
N LEU C 45 18.08 22.23 13.96
CA LEU C 45 18.60 21.02 14.57
C LEU C 45 20.12 21.07 14.57
N SER C 46 20.72 20.05 15.14
CA SER C 46 22.18 20.00 15.26
C SER C 46 22.63 18.63 14.76
N LEU C 47 22.34 18.37 13.49
CA LEU C 47 22.73 17.15 12.83
C LEU C 47 23.91 17.36 11.87
N GLY C 48 24.62 18.48 11.98
CA GLY C 48 25.61 18.84 10.99
C GLY C 48 26.62 17.74 10.77
N MET C 50 25.47 13.47 9.91
CA MET C 50 26.33 14.56 9.49
C MET C 50 26.34 14.66 7.97
N LYS C 51 26.26 13.53 7.28
CA LYS C 51 26.53 13.47 5.84
C LYS C 51 25.24 13.56 5.05
N GLU C 52 25.26 14.37 3.98
CA GLU C 52 24.05 14.62 3.19
C GLU C 52 23.43 13.32 2.66
N SER C 53 24.25 12.42 2.09
CA SER C 53 23.69 11.18 1.56
C SER C 53 22.93 10.39 2.62
N SER C 54 23.16 10.66 3.91
CA SER C 54 22.38 10.05 4.98
C SER C 54 21.06 10.78 5.18
N ILE C 55 20.99 12.06 4.80
CA ILE C 55 19.75 12.81 4.90
C ILE C 55 18.89 12.54 3.69
N ASP C 56 19.53 12.24 2.56
CA ASP C 56 18.78 11.63 1.46
C ASP C 56 18.17 10.30 1.90
N ASP C 57 18.93 9.49 2.63
CA ASP C 57 18.36 8.27 3.16
C ASP C 57 17.23 8.58 4.13
N LEU C 58 17.46 9.61 4.96
CA LEU C 58 16.42 10.06 5.88
C LEU C 58 15.17 10.43 5.12
N MET C 59 15.31 11.28 4.12
CA MET C 59 14.20 11.67 3.29
C MET C 59 13.43 10.46 2.80
N LYS C 60 14.13 9.51 2.19
CA LYS C 60 13.44 8.33 1.69
C LYS C 60 12.79 7.54 2.79
N SER C 61 13.37 7.53 3.98
CA SER C 61 12.79 6.80 5.10
C SER C 61 11.51 7.46 5.60
N LEU C 62 11.56 8.77 5.82
CA LEU C 62 10.41 9.50 6.32
C LEU C 62 9.26 9.57 5.33
N ASP C 63 9.56 9.59 4.02
CA ASP C 63 8.57 9.74 2.94
C ASP C 63 7.88 8.40 2.68
N LYS C 64 7.02 8.03 3.62
CA LYS C 64 6.35 6.73 3.65
C LYS C 64 5.57 6.37 2.34
N ASN C 65 5.05 7.43 1.66
CA ASN C 65 4.28 7.21 0.45
C ASN C 65 5.06 7.55 -0.82
N SER C 66 6.35 7.83 -0.70
CA SER C 66 7.23 8.02 -1.83
C SER C 66 6.68 9.01 -2.84
N ASP C 67 6.23 10.15 -2.34
CA ASP C 67 5.82 11.23 -3.20
C ASP C 67 6.80 12.38 -3.13
N GLN C 68 7.93 12.21 -2.48
CA GLN C 68 8.98 13.21 -2.43
C GLN C 68 8.54 14.48 -1.70
N GLU C 69 7.57 14.35 -0.80
CA GLU C 69 7.13 15.41 0.08
C GLU C 69 6.95 14.82 1.46
N ILE C 70 7.23 15.62 2.49
CA ILE C 70 7.13 15.22 3.88
C ILE C 70 5.96 15.99 4.48
N ASP C 71 4.90 15.30 4.80
CA ASP C 71 3.78 15.94 5.47
C ASP C 71 3.98 15.91 6.98
N PHE C 72 3.03 16.46 7.72
CA PHE C 72 3.23 16.63 9.14
C PHE C 72 3.26 15.28 9.87
N LYS C 73 2.50 14.29 9.40
CA LYS C 73 2.58 12.98 10.02
C LYS C 73 3.98 12.37 9.84
N GLU C 74 4.53 12.47 8.63
CA GLU C 74 5.88 11.97 8.34
C GLU C 74 6.93 12.74 9.10
N TYR C 75 6.81 14.06 9.14
CA TYR C 75 7.69 14.87 9.98
C TYR C 75 7.57 14.49 11.44
N SER C 76 6.38 14.11 11.89
CA SER C 76 6.23 13.68 13.27
C SER C 76 6.98 12.38 13.55
N VAL C 77 7.13 11.52 12.54
CA VAL C 77 7.96 10.34 12.70
C VAL C 77 9.41 10.74 12.92
N PHE C 78 9.85 11.78 12.20
CA PHE C 78 11.21 12.28 12.36
C PHE C 78 11.43 12.80 13.77
N LEU C 79 10.51 13.64 14.25
CA LEU C 79 10.66 14.17 15.61
C LEU C 79 10.68 13.03 16.63
N THR C 80 9.81 12.03 16.48
CA THR C 80 9.83 10.90 17.40
C THR C 80 11.20 10.24 17.40
N MET C 81 11.77 10.03 16.21
CA MET C 81 13.07 9.39 16.10
C MET C 81 14.13 10.19 16.84
N LEU C 82 14.13 11.49 16.65
CA LEU C 82 15.08 12.36 17.31
C LEU C 82 14.93 12.27 18.83
N SER C 83 13.70 12.33 19.31
N SER C 83 13.69 12.29 19.32
CA SER C 83 13.43 12.17 20.73
CA SER C 83 13.46 12.19 20.76
C SER C 83 14.01 10.88 21.26
C SER C 83 13.95 10.86 21.30
N MET C 84 13.76 9.79 20.54
CA MET C 84 14.17 8.48 21.00
C MET C 84 15.68 8.37 21.09
N ALA C 85 16.42 9.06 20.25
CA ALA C 85 17.86 8.89 20.31
C ALA C 85 18.38 9.44 21.60
N TYR C 86 17.75 10.47 22.12
CA TYR C 86 18.12 11.04 23.41
C TYR C 86 17.58 10.17 24.54
N ASN C 87 16.36 9.66 24.39
CA ASN C 87 15.76 8.90 25.48
C ASN C 87 16.46 7.57 25.72
N ASP C 88 17.00 6.93 24.66
CA ASP C 88 17.68 5.65 24.86
C ASP C 88 18.85 5.78 25.81
N PHE C 89 19.43 6.98 25.93
CA PHE C 89 20.60 7.25 26.78
C PHE C 89 20.29 8.23 27.91
N PHE C 90 19.07 8.20 28.44
CA PHE C 90 18.63 9.25 29.34
C PHE C 90 19.31 9.10 30.70
N LEU C 91 19.93 10.18 31.18
CA LEU C 91 20.54 10.22 32.50
C LEU C 91 19.80 11.25 33.37
N GLU C 92 19.43 10.87 34.57
CA GLU C 92 18.69 11.77 35.45
C GLU C 92 19.60 12.56 36.38
N GLU D 5 19.00 23.98 22.31
CA GLU D 5 19.34 25.40 22.19
C GLU D 5 18.34 26.12 21.32
N THR D 6 17.95 25.54 20.18
CA THR D 6 16.84 26.11 19.45
C THR D 6 15.54 25.73 20.13
N PRO D 7 14.46 26.45 19.84
CA PRO D 7 13.15 26.06 20.37
C PRO D 7 12.71 24.66 20.02
N LEU D 8 12.97 24.21 18.80
CA LEU D 8 12.65 22.84 18.45
C LEU D 8 13.52 21.87 19.23
N GLU D 9 14.78 22.21 19.46
CA GLU D 9 15.65 21.30 20.18
C GLU D 9 15.27 21.23 21.65
N LYS D 10 14.85 22.36 22.21
CA LYS D 10 14.36 22.33 23.58
C LYS D 10 13.03 21.62 23.66
N ALA D 11 12.21 21.73 22.61
CA ALA D 11 10.91 21.09 22.59
C ALA D 11 11.07 19.58 22.58
N LEU D 12 11.99 19.09 21.75
CA LEU D 12 12.30 17.67 21.73
C LEU D 12 12.82 17.22 23.08
N THR D 13 13.68 18.02 23.71
CA THR D 13 14.14 17.66 25.05
C THR D 13 12.96 17.53 26.01
N THR D 14 11.96 18.42 25.87
CA THR D 14 10.82 18.41 26.78
C THR D 14 9.98 17.14 26.66
N MET D 15 9.84 16.59 25.45
N MET D 15 9.83 16.61 25.44
CA MET D 15 9.11 15.34 25.31
CA MET D 15 9.11 15.35 25.27
C MET D 15 9.72 14.26 26.17
C MET D 15 9.72 14.26 26.16
N VAL D 16 11.05 14.27 26.31
CA VAL D 16 11.77 13.22 27.03
C VAL D 16 11.77 13.47 28.54
N THR D 17 12.10 14.69 28.95
CA THR D 17 12.15 14.97 30.38
C THR D 17 10.78 14.86 31.01
N THR D 18 9.73 15.21 30.27
CA THR D 18 8.38 15.11 30.81
C THR D 18 8.00 13.66 31.12
N PHE D 19 8.40 12.72 30.25
CA PHE D 19 8.17 11.30 30.50
C PHE D 19 8.84 10.86 31.79
N HIS D 20 10.11 11.22 31.96
CA HIS D 20 10.87 10.71 33.09
C HIS D 20 10.54 11.42 34.37
N LYS D 21 10.00 12.63 34.30
CA LYS D 21 9.45 13.28 35.47
C LYS D 21 8.39 12.43 36.15
N TYR D 22 7.70 11.58 35.39
CA TYR D 22 6.61 10.78 35.93
C TYR D 22 6.86 9.27 35.90
N SER D 23 7.73 8.79 35.02
CA SER D 23 7.96 7.36 34.87
C SER D 23 8.70 6.76 36.06
N GLY D 24 9.45 7.55 36.80
CA GLY D 24 10.22 7.01 37.89
C GLY D 24 9.55 7.04 39.23
N ARG D 25 8.24 7.29 39.30
CA ARG D 25 7.60 7.36 40.61
C ARG D 25 7.46 5.97 41.22
N GLU D 26 7.14 4.97 40.40
CA GLU D 26 6.90 3.63 40.89
C GLU D 26 7.20 2.62 39.79
N GLY D 27 7.29 1.35 40.16
CA GLY D 27 7.47 0.32 39.19
C GLY D 27 8.77 0.52 38.43
N SER D 28 8.75 0.11 37.18
CA SER D 28 9.86 0.42 36.29
C SER D 28 9.98 1.92 36.13
N LYS D 29 11.21 2.42 36.18
CA LYS D 29 11.46 3.83 35.93
C LYS D 29 11.42 4.20 34.45
N LEU D 30 11.21 3.25 33.55
CA LEU D 30 11.19 3.52 32.12
C LEU D 30 9.83 3.30 31.50
N THR D 31 8.80 3.07 32.32
CA THR D 31 7.43 2.99 31.85
C THR D 31 6.51 3.75 32.80
N LEU D 32 5.39 4.19 32.26
CA LEU D 32 4.36 4.88 33.03
C LEU D 32 3.27 3.89 33.39
N SER D 33 3.01 3.73 34.68
CA SER D 33 1.82 3.01 35.09
C SER D 33 0.58 3.81 34.75
N ARG D 34 -0.59 3.17 34.86
CA ARG D 34 -1.84 3.91 34.70
C ARG D 34 -1.85 5.12 35.62
N LYS D 35 -1.41 4.93 36.86
CA LYS D 35 -1.36 6.01 37.85
C LYS D 35 -0.36 7.09 37.44
N GLU D 36 0.76 6.69 36.83
CA GLU D 36 1.78 7.66 36.43
C GLU D 36 1.33 8.45 35.21
N LEU D 37 0.74 7.77 34.24
CA LEU D 37 0.15 8.44 33.10
C LEU D 37 -0.91 9.45 33.54
N LYS D 38 -1.82 9.01 34.40
CA LYS D 38 -2.85 9.90 34.89
C LYS D 38 -2.25 11.15 35.50
N GLU D 39 -1.16 10.99 36.25
CA GLU D 39 -0.57 12.13 36.94
C GLU D 39 0.13 13.05 35.95
N LEU D 40 0.79 12.47 34.96
CA LEU D 40 1.45 13.27 33.95
C LEU D 40 0.46 14.21 33.27
N ILE D 41 -0.64 13.67 32.80
CA ILE D 41 -1.67 14.47 32.14
C ILE D 41 -2.23 15.51 33.10
N LYS D 42 -2.44 15.14 34.35
CA LYS D 42 -2.97 16.08 35.32
C LYS D 42 -2.09 17.32 35.41
N LYS D 43 -0.80 17.13 35.63
CA LYS D 43 0.08 18.23 35.94
C LYS D 43 0.62 18.93 34.70
N GLU D 44 0.69 18.24 33.56
CA GLU D 44 1.48 18.71 32.44
C GLU D 44 0.65 19.23 31.27
N LEU D 45 -0.67 18.98 31.27
CA LEU D 45 -1.58 19.46 30.24
C LEU D 45 -2.69 20.30 30.87
N SER D 46 -3.24 21.21 30.08
CA SER D 46 -4.23 22.15 30.59
C SER D 46 -5.57 21.45 30.74
N LEU D 47 -6.19 21.60 31.90
CA LEU D 47 -7.43 20.90 32.25
C LEU D 47 -7.34 19.39 31.94
N GLY D 48 -6.31 18.75 32.54
CA GLY D 48 -5.99 17.34 32.40
C GLY D 48 -6.79 16.38 33.26
N GLU D 49 -7.80 16.87 33.96
CA GLU D 49 -8.69 16.01 34.74
C GLU D 49 -9.54 15.20 33.77
N MET D 50 -9.19 13.91 33.63
CA MET D 50 -9.92 12.99 32.78
C MET D 50 -10.66 12.00 33.66
N LYS D 51 -11.79 11.53 33.17
CA LYS D 51 -12.56 10.53 33.89
C LYS D 51 -11.83 9.20 33.83
N GLU D 52 -11.86 8.47 34.96
CA GLU D 52 -11.33 7.12 34.96
C GLU D 52 -11.75 6.37 33.73
N SER D 53 -12.94 6.69 33.20
CA SER D 53 -13.37 6.08 31.95
C SER D 53 -12.51 6.54 30.78
N SER D 54 -12.08 7.77 30.76
CA SER D 54 -11.26 8.22 29.66
C SER D 54 -9.78 7.86 29.85
N ILE D 55 -9.36 7.61 31.08
CA ILE D 55 -8.02 7.07 31.26
C ILE D 55 -7.94 5.63 30.74
N ASP D 56 -9.01 4.85 30.96
CA ASP D 56 -8.97 3.44 30.57
C ASP D 56 -8.91 3.29 29.05
N ASP D 57 -9.59 4.16 28.34
CA ASP D 57 -9.62 4.06 26.88
C ASP D 57 -8.33 4.58 26.25
N LEU D 58 -7.71 5.55 26.90
CA LEU D 58 -6.40 6.01 26.44
C LEU D 58 -5.36 4.94 26.71
N MET D 59 -5.35 4.43 27.94
CA MET D 59 -4.50 3.28 28.28
C MET D 59 -4.69 2.12 27.30
N LYS D 60 -5.92 1.81 26.92
CA LYS D 60 -6.13 0.74 25.95
C LYS D 60 -5.56 1.10 24.57
N SER D 61 -5.71 2.37 24.16
CA SER D 61 -5.25 2.77 22.83
C SER D 61 -3.72 2.77 22.73
N LEU D 62 -3.03 3.07 23.82
CA LEU D 62 -1.61 3.31 23.79
C LEU D 62 -0.80 2.07 24.16
N ASP D 63 -1.42 1.26 24.96
CA ASP D 63 -0.69 0.06 25.52
C ASP D 63 -0.59 -1.03 24.37
N LYS D 64 0.25 -0.83 23.37
CA LYS D 64 0.26 -1.75 22.18
C LYS D 64 0.57 -3.22 22.55
N ASN D 65 1.44 -3.38 23.51
CA ASN D 65 1.76 -4.77 23.95
C ASN D 65 0.93 -5.32 25.15
N SER D 66 -0.12 -4.67 25.66
CA SER D 66 -0.99 -4.98 26.76
C SER D 66 -0.20 -5.50 27.98
N ASP D 67 0.58 -4.65 28.66
CA ASP D 67 1.31 -4.99 29.90
C ASP D 67 0.95 -3.98 30.96
N GLN D 68 -0.07 -3.16 30.65
CA GLN D 68 -0.57 -2.16 31.59
C GLN D 68 0.50 -1.14 31.95
N GLU D 69 1.43 -0.93 31.05
CA GLU D 69 2.48 0.04 31.25
C GLU D 69 2.77 0.68 29.91
N ILE D 70 3.03 1.98 29.92
CA ILE D 70 3.29 2.75 28.72
C ILE D 70 4.77 3.08 28.70
N ASP D 71 5.49 2.54 27.72
CA ASP D 71 6.90 2.84 27.55
C ASP D 71 7.05 4.10 26.70
N PHE D 72 8.30 4.49 26.43
CA PHE D 72 8.48 5.76 25.73
C PHE D 72 7.92 5.69 24.31
N LYS D 73 7.99 4.54 23.66
CA LYS D 73 7.48 4.44 22.30
C LYS D 73 5.96 4.61 22.29
N GLU D 74 5.27 4.02 23.26
CA GLU D 74 3.83 4.13 23.32
C GLU D 74 3.40 5.54 23.73
N TYR D 75 4.09 6.13 24.69
CA TYR D 75 3.87 7.53 25.04
C TYR D 75 4.12 8.47 23.88
N SER D 76 5.05 8.14 23.00
CA SER D 76 5.28 8.98 21.84
C SER D 76 4.07 9.05 20.94
N VAL D 77 3.27 7.99 20.90
CA VAL D 77 2.04 8.03 20.12
C VAL D 77 1.08 9.07 20.68
N PHE D 78 0.98 9.12 22.01
CA PHE D 78 0.14 10.12 22.66
C PHE D 78 0.58 11.52 22.27
N LEU D 79 1.88 11.75 22.27
CA LEU D 79 2.37 13.07 21.86
C LEU D 79 1.96 13.37 20.43
N THR D 80 1.98 12.38 19.56
CA THR D 80 1.55 12.65 18.20
C THR D 80 0.05 12.92 18.13
N MET D 81 -0.74 12.32 19.03
CA MET D 81 -2.16 12.65 19.08
C MET D 81 -2.33 14.11 19.43
N LEU D 82 -1.52 14.60 20.38
CA LEU D 82 -1.62 16.00 20.78
C LEU D 82 -1.12 16.94 19.70
N SER D 83 -0.01 16.62 19.04
CA SER D 83 0.50 17.56 18.04
C SER D 83 -0.36 17.56 16.78
N MET D 84 -1.01 16.43 16.47
CA MET D 84 -1.93 16.37 15.34
C MET D 84 -3.16 17.23 15.61
N ALA D 85 -3.66 17.23 16.84
CA ALA D 85 -4.79 18.08 17.18
C ALA D 85 -4.41 19.55 17.08
N TYR D 86 -3.25 19.92 17.61
CA TYR D 86 -2.86 21.32 17.47
C TYR D 86 -2.55 21.68 16.01
N ASN D 87 -2.08 20.73 15.21
CA ASN D 87 -1.84 21.02 13.80
C ASN D 87 -3.16 21.31 13.11
N ASP D 88 -4.18 20.51 13.41
CA ASP D 88 -5.51 20.78 12.87
C ASP D 88 -6.03 22.13 13.35
N PHE D 89 -5.78 22.49 14.60
CA PHE D 89 -6.17 23.80 15.07
C PHE D 89 -5.39 24.89 14.35
N PHE D 90 -4.09 24.71 14.18
CA PHE D 90 -3.27 25.69 13.48
C PHE D 90 -3.70 25.84 12.01
N LEU D 91 -4.09 24.75 11.36
CA LEU D 91 -4.54 24.83 9.99
C LEU D 91 -5.88 25.57 9.87
N GLU D 92 -6.77 25.42 10.85
CA GLU D 92 -8.01 26.19 10.83
C GLU D 92 -7.75 27.67 11.06
N ASP D 93 -7.06 28.01 12.14
CA ASP D 93 -6.76 29.38 12.57
C ASP D 93 -5.81 30.12 11.62
N ASN D 94 -5.55 29.64 10.41
CA ASN D 94 -4.56 30.27 9.54
C ASN D 94 -5.02 30.19 8.08
N GLU E 5 12.35 21.05 -23.44
CA GLU E 5 11.26 20.07 -23.46
C GLU E 5 10.11 20.56 -24.31
N THR E 6 9.60 19.70 -25.19
CA THR E 6 8.41 20.05 -25.94
C THR E 6 7.17 19.88 -25.06
N PRO E 7 6.04 20.45 -25.46
CA PRO E 7 4.81 20.16 -24.72
C PRO E 7 4.47 18.69 -24.68
N LEU E 8 4.59 17.99 -25.82
CA LEU E 8 4.31 16.57 -25.83
C LEU E 8 5.20 15.84 -24.84
N GLU E 9 6.49 16.15 -24.83
CA GLU E 9 7.39 15.46 -23.91
C GLU E 9 7.03 15.74 -22.45
N LYS E 10 6.67 16.98 -22.13
CA LYS E 10 6.18 17.28 -20.79
C LYS E 10 4.93 16.49 -20.46
N ALA E 11 4.04 16.32 -21.44
CA ALA E 11 2.78 15.61 -21.21
C ALA E 11 3.02 14.14 -20.91
N LEU E 12 3.87 13.50 -21.69
CA LEU E 12 4.20 12.09 -21.44
C LEU E 12 4.89 11.90 -20.10
N THR E 13 5.77 12.83 -19.73
CA THR E 13 6.35 12.83 -18.39
C THR E 13 5.27 12.95 -17.33
N THR E 14 4.28 13.81 -17.55
CA THR E 14 3.21 13.99 -16.56
C THR E 14 2.43 12.71 -16.37
N MET E 15 2.22 11.95 -17.45
CA MET E 15 1.52 10.67 -17.34
C MET E 15 2.22 9.77 -16.31
N VAL E 16 3.55 9.74 -16.34
CA VAL E 16 4.32 8.90 -15.44
C VAL E 16 4.38 9.49 -14.03
N THR E 17 4.63 10.79 -13.90
CA THR E 17 4.80 11.34 -12.56
C THR E 17 3.50 11.34 -11.78
N THR E 18 2.36 11.54 -12.44
CA THR E 18 1.08 11.51 -11.74
C THR E 18 0.78 10.11 -11.19
N PHE E 19 1.13 9.07 -11.94
CA PHE E 19 0.98 7.71 -11.43
C PHE E 19 1.75 7.53 -10.14
N HIS E 20 3.03 7.94 -10.13
CA HIS E 20 3.91 7.76 -8.99
C HIS E 20 3.65 8.75 -7.88
N LYS E 21 2.86 9.79 -8.14
CA LYS E 21 2.40 10.67 -7.08
C LYS E 21 1.48 9.97 -6.10
N TYR E 22 0.82 8.87 -6.51
CA TYR E 22 -0.19 8.19 -5.72
C TYR E 22 0.11 6.73 -5.46
N SER E 23 1.05 6.14 -6.20
CA SER E 23 1.27 4.69 -6.22
C SER E 23 2.15 4.19 -5.08
N GLY E 24 2.72 5.07 -4.28
CA GLY E 24 3.61 4.70 -3.19
C GLY E 24 3.01 4.54 -1.80
N ARG E 25 1.71 4.80 -1.63
CA ARG E 25 1.05 4.73 -0.34
C ARG E 25 0.79 3.30 0.13
N GLU E 26 0.52 2.38 -0.79
CA GLU E 26 0.15 1.01 -0.45
C GLU E 26 0.94 0.07 -1.34
N GLY E 27 1.60 -0.91 -0.72
CA GLY E 27 2.20 -1.97 -1.47
C GLY E 27 3.27 -1.51 -2.43
N SER E 28 3.22 -2.08 -3.62
CA SER E 28 4.18 -1.77 -4.65
C SER E 28 4.02 -0.33 -5.12
N LYS E 29 5.16 0.32 -5.33
CA LYS E 29 5.17 1.61 -5.99
C LYS E 29 4.96 1.50 -7.46
N LEU E 30 4.79 0.30 -7.98
CA LEU E 30 4.54 0.09 -9.40
C LEU E 30 3.09 -0.31 -9.72
N THR E 31 2.22 -0.35 -8.75
CA THR E 31 0.80 -0.58 -8.99
C THR E 31 0.00 0.41 -8.16
N LEU E 32 -1.20 0.74 -8.65
CA LEU E 32 -2.19 1.50 -7.91
C LEU E 32 -3.21 0.56 -7.31
N SER E 33 -3.41 0.68 -6.01
CA SER E 33 -4.47 -0.06 -5.36
C SER E 33 -5.77 0.71 -5.51
N ARG E 34 -6.87 0.07 -5.11
CA ARG E 34 -8.15 0.74 -5.14
C ARG E 34 -8.08 2.10 -4.47
N LYS E 35 -7.54 2.17 -3.27
CA LYS E 35 -7.49 3.46 -2.58
C LYS E 35 -6.64 4.45 -3.35
N GLU E 36 -5.53 3.99 -3.92
CA GLU E 36 -4.63 4.88 -4.64
C GLU E 36 -5.29 5.40 -5.91
N LEU E 37 -5.87 4.50 -6.69
CA LEU E 37 -6.54 4.94 -7.92
C LEU E 37 -7.67 5.92 -7.61
N LYS E 38 -8.44 5.65 -6.56
CA LYS E 38 -9.53 6.54 -6.18
C LYS E 38 -9.03 7.95 -5.89
N GLU E 39 -7.89 8.06 -5.24
CA GLU E 39 -7.36 9.37 -4.88
C GLU E 39 -6.77 10.11 -6.09
N LEU E 40 -6.01 9.41 -6.91
CA LEU E 40 -5.57 9.98 -8.18
C LEU E 40 -6.73 10.63 -8.91
N ILE E 41 -7.81 9.87 -9.11
CA ILE E 41 -8.95 10.40 -9.87
C ILE E 41 -9.54 11.61 -9.18
N LYS E 42 -9.69 11.55 -7.86
CA LYS E 42 -10.27 12.69 -7.16
C LYS E 42 -9.42 13.95 -7.29
N LYS E 43 -8.13 13.83 -7.14
CA LYS E 43 -7.30 15.02 -7.03
C LYS E 43 -6.74 15.52 -8.36
N GLU E 44 -6.82 14.72 -9.42
CA GLU E 44 -6.12 15.05 -10.64
C GLU E 44 -7.04 15.27 -11.84
N LEU E 45 -8.33 14.97 -11.73
CA LEU E 45 -9.28 15.22 -12.79
C LEU E 45 -10.34 16.17 -12.27
N SER E 46 -10.77 17.08 -13.15
CA SER E 46 -11.73 18.11 -12.83
C SER E 46 -13.09 17.50 -12.62
N LEU E 47 -13.69 17.74 -11.47
CA LEU E 47 -14.93 17.06 -11.15
C LEU E 47 -14.77 15.58 -11.55
N MET E 50 -16.66 10.24 -8.22
CA MET E 50 -16.99 8.88 -8.60
C MET E 50 -17.65 8.19 -7.44
N LYS E 51 -18.78 7.55 -7.70
CA LYS E 51 -19.39 6.67 -6.72
C LYS E 51 -18.44 5.51 -6.42
N GLU E 52 -18.70 4.84 -5.32
CA GLU E 52 -17.82 3.76 -4.89
C GLU E 52 -18.01 2.51 -5.73
N SER E 53 -19.17 2.33 -6.30
CA SER E 53 -19.40 1.19 -7.18
C SER E 53 -18.82 1.46 -8.55
N SER E 54 -18.72 2.73 -8.93
CA SER E 54 -18.02 3.08 -10.16
C SER E 54 -16.52 2.81 -10.03
N ILE E 55 -15.95 3.11 -8.86
CA ILE E 55 -14.58 2.70 -8.56
C ILE E 55 -14.51 1.19 -8.54
N ASP E 56 -15.54 0.54 -8.00
CA ASP E 56 -15.60 -0.91 -8.03
C ASP E 56 -15.54 -1.42 -9.46
N ASP E 57 -16.26 -0.77 -10.37
CA ASP E 57 -16.29 -1.21 -11.75
C ASP E 57 -14.98 -0.91 -12.49
N LEU E 58 -14.46 0.30 -12.33
CA LEU E 58 -13.22 0.66 -13.03
C LEU E 58 -12.10 -0.30 -12.65
N MET E 59 -11.91 -0.50 -11.35
CA MET E 59 -10.88 -1.40 -10.89
C MET E 59 -10.99 -2.75 -11.60
N LYS E 60 -12.18 -3.29 -11.69
CA LYS E 60 -12.37 -4.58 -12.31
C LYS E 60 -12.19 -4.45 -13.85
N SER E 61 -12.49 -3.29 -14.43
CA SER E 61 -12.27 -3.15 -15.86
C SER E 61 -10.79 -3.06 -16.21
N LEU E 62 -10.04 -2.37 -15.36
CA LEU E 62 -8.65 -2.08 -15.64
C LEU E 62 -7.71 -3.21 -15.24
N ASP E 63 -8.09 -3.99 -14.24
CA ASP E 63 -7.26 -5.10 -13.76
C ASP E 63 -7.49 -6.27 -14.70
N LYS E 64 -6.42 -6.63 -15.45
CA LYS E 64 -6.39 -7.76 -16.45
C LYS E 64 -5.73 -9.05 -15.97
N ASN E 65 -5.08 -8.94 -14.86
CA ASN E 65 -4.47 -10.10 -14.24
C ASN E 65 -5.04 -10.39 -12.86
N SER E 66 -6.22 -9.85 -12.56
CA SER E 66 -6.96 -10.15 -11.34
C SER E 66 -6.07 -10.23 -10.09
N ASP E 67 -5.19 -9.25 -9.94
CA ASP E 67 -4.48 -9.04 -8.68
C ASP E 67 -5.01 -7.86 -7.89
N GLN E 68 -6.07 -7.23 -8.35
CA GLN E 68 -6.71 -6.12 -7.67
C GLN E 68 -5.80 -4.90 -7.57
N GLU E 69 -4.75 -4.87 -8.36
CA GLU E 69 -3.90 -3.69 -8.42
C GLU E 69 -3.76 -3.30 -9.88
N ILE E 70 -3.51 -2.02 -10.09
CA ILE E 70 -3.46 -1.45 -11.43
C ILE E 70 -2.01 -1.06 -11.68
N ASP E 71 -1.32 -1.82 -12.50
CA ASP E 71 0.04 -1.43 -12.87
C ASP E 71 0.01 -0.35 -13.96
N PHE E 72 1.19 0.10 -14.38
CA PHE E 72 1.22 1.24 -15.29
C PHE E 72 0.59 0.91 -16.63
N LYS E 73 0.81 -0.31 -17.13
CA LYS E 73 0.18 -0.71 -18.40
C LYS E 73 -1.33 -0.70 -18.29
N GLU E 74 -1.87 -1.25 -17.19
CA GLU E 74 -3.30 -1.23 -16.92
C GLU E 74 -3.83 0.19 -16.82
N TYR E 75 -3.10 1.06 -16.12
N TYR E 75 -3.10 1.05 -16.11
CA TYR E 75 -3.50 2.45 -15.95
CA TYR E 75 -3.48 2.44 -15.94
C TYR E 75 -3.41 3.23 -17.24
C TYR E 75 -3.43 3.20 -17.25
N SER E 76 -2.53 2.82 -18.15
CA SER E 76 -2.44 3.49 -19.44
C SER E 76 -3.74 3.37 -20.21
N VAL E 77 -4.48 2.29 -20.01
CA VAL E 77 -5.79 2.14 -20.63
C VAL E 77 -6.75 3.21 -20.12
N PHE E 78 -6.70 3.50 -18.83
CA PHE E 78 -7.53 4.59 -18.30
C PHE E 78 -7.17 5.90 -18.97
N LEU E 79 -5.88 6.16 -19.16
CA LEU E 79 -5.46 7.40 -19.79
C LEU E 79 -6.00 7.51 -21.21
N THR E 80 -6.08 6.38 -21.94
CA THR E 80 -6.61 6.41 -23.31
C THR E 80 -8.11 6.66 -23.32
N MET E 81 -8.82 6.18 -22.29
CA MET E 81 -10.22 6.54 -22.10
C MET E 81 -10.40 8.04 -22.03
N LEU E 82 -9.55 8.70 -21.25
CA LEU E 82 -9.63 10.14 -21.13
C LEU E 82 -9.28 10.82 -22.44
N SER E 83 -8.20 10.39 -23.09
CA SER E 83 -7.78 11.06 -24.31
C SER E 83 -8.72 10.77 -25.48
N MET E 84 -9.34 9.60 -25.52
CA MET E 84 -10.41 9.38 -26.51
C MET E 84 -11.55 10.36 -26.26
N ALA E 85 -11.89 10.56 -24.99
CA ALA E 85 -12.95 11.48 -24.63
C ALA E 85 -12.66 12.88 -25.14
N TYR E 86 -11.49 13.40 -24.81
CA TYR E 86 -11.13 14.70 -25.35
C TYR E 86 -11.00 14.66 -26.87
N ASN E 87 -10.58 13.54 -27.43
CA ASN E 87 -10.48 13.50 -28.88
C ASN E 87 -11.84 13.68 -29.51
N ASP E 88 -12.85 13.00 -28.99
CA ASP E 88 -14.21 13.23 -29.45
C ASP E 88 -14.63 14.68 -29.30
N PHE E 89 -14.31 15.31 -28.16
CA PHE E 89 -14.58 16.74 -28.00
C PHE E 89 -13.89 17.54 -29.09
N PHE E 90 -12.59 17.33 -29.27
CA PHE E 90 -11.82 18.07 -30.26
C PHE E 90 -12.44 17.91 -31.65
N LEU E 91 -12.83 16.70 -32.01
CA LEU E 91 -13.40 16.50 -33.35
C LEU E 91 -14.67 17.31 -33.56
N GLU E 92 -15.53 17.36 -32.54
CA GLU E 92 -16.76 18.15 -32.65
C GLU E 92 -16.47 19.63 -32.63
N ASP E 93 -15.50 20.07 -31.85
CA ASP E 93 -15.24 21.48 -31.68
C ASP E 93 -14.47 22.08 -32.85
N ASN E 94 -13.87 21.26 -33.70
CA ASN E 94 -13.12 21.79 -34.81
C ASN E 94 -13.67 21.36 -36.16
N ALA F 3 -7.65 28.31 -18.70
CA ALA F 3 -8.49 27.19 -18.35
C ALA F 3 -8.31 26.86 -16.88
N MET F 4 -9.32 26.23 -16.30
CA MET F 4 -9.22 25.64 -14.98
C MET F 4 -8.87 24.17 -15.04
N GLU F 5 -8.47 23.67 -16.21
CA GLU F 5 -8.06 22.28 -16.35
C GLU F 5 -6.96 21.95 -15.36
N THR F 6 -6.92 20.69 -14.94
CA THR F 6 -5.88 20.22 -14.05
C THR F 6 -4.63 19.92 -14.86
N PRO F 7 -3.46 19.85 -14.22
CA PRO F 7 -2.25 19.53 -14.99
C PRO F 7 -2.35 18.28 -15.83
N LEU F 8 -2.99 17.22 -15.32
CA LEU F 8 -3.13 16.00 -16.09
C LEU F 8 -4.00 16.20 -17.32
N GLU F 9 -5.03 17.04 -17.19
CA GLU F 9 -5.90 17.34 -18.31
C GLU F 9 -5.21 18.22 -19.33
N LYS F 10 -4.33 19.11 -18.87
CA LYS F 10 -3.52 19.89 -19.81
C LYS F 10 -2.59 18.99 -20.58
N ALA F 11 -2.08 17.94 -19.94
CA ALA F 11 -1.20 16.97 -20.60
C ALA F 11 -1.97 16.15 -21.63
N LEU F 12 -3.09 15.57 -21.22
CA LEU F 12 -3.93 14.82 -22.15
C LEU F 12 -4.40 15.68 -23.32
N THR F 13 -4.69 16.95 -23.07
CA THR F 13 -5.06 17.83 -24.17
C THR F 13 -3.93 17.97 -25.17
N THR F 14 -2.70 18.14 -24.69
CA THR F 14 -1.55 18.26 -25.58
C THR F 14 -1.36 17.00 -26.41
N MET F 15 -1.64 15.84 -25.84
CA MET F 15 -1.50 14.60 -26.59
C MET F 15 -2.48 14.55 -27.75
N VAL F 16 -3.68 15.10 -27.54
CA VAL F 16 -4.67 15.17 -28.62
C VAL F 16 -4.34 16.27 -29.62
N THR F 17 -4.04 17.48 -29.13
CA THR F 17 -3.82 18.58 -30.04
C THR F 17 -2.62 18.34 -30.94
N THR F 18 -1.56 17.72 -30.39
CA THR F 18 -0.36 17.43 -31.18
C THR F 18 -0.67 16.47 -32.32
N PHE F 19 -1.53 15.49 -32.09
CA PHE F 19 -1.89 14.55 -33.15
C PHE F 19 -2.53 15.30 -34.31
N HIS F 20 -3.49 16.16 -34.00
CA HIS F 20 -4.26 16.81 -35.05
C HIS F 20 -3.47 17.89 -35.75
N LYS F 21 -2.48 18.48 -35.09
CA LYS F 21 -1.59 19.41 -35.78
C LYS F 21 -0.88 18.72 -36.93
N TYR F 22 -0.47 17.47 -36.72
CA TYR F 22 0.29 16.73 -37.72
C TYR F 22 -0.61 15.90 -38.60
N SER F 23 -1.75 15.42 -38.09
CA SER F 23 -2.64 14.63 -38.93
C SER F 23 -3.25 15.46 -40.05
N GLY F 24 -3.53 16.73 -39.78
CA GLY F 24 -4.23 17.56 -40.73
C GLY F 24 -3.41 18.16 -41.84
N ARG F 25 -2.18 17.74 -42.05
CA ARG F 25 -1.31 18.41 -43.01
C ARG F 25 -1.46 17.90 -44.44
N GLU F 26 -1.64 16.60 -44.61
CA GLU F 26 -1.82 15.99 -45.94
C GLU F 26 -2.78 14.82 -45.82
N GLY F 27 -3.33 14.42 -46.96
CA GLY F 27 -4.24 13.30 -46.97
C GLY F 27 -5.36 13.54 -45.99
N SER F 28 -5.91 12.46 -45.46
CA SER F 28 -6.96 12.56 -44.46
C SER F 28 -6.51 13.44 -43.31
N LYS F 29 -7.43 14.28 -42.83
CA LYS F 29 -7.16 15.12 -41.68
C LYS F 29 -7.17 14.31 -40.41
N LEU F 30 -7.73 13.11 -40.44
CA LEU F 30 -7.97 12.34 -39.25
C LEU F 30 -6.84 11.37 -38.94
N THR F 31 -5.90 11.18 -39.85
CA THR F 31 -4.86 10.17 -39.67
C THR F 31 -3.51 10.71 -40.08
N LEU F 32 -2.47 10.15 -39.48
CA LEU F 32 -1.08 10.48 -39.81
C LEU F 32 -0.53 9.53 -40.88
N SER F 33 0.01 10.10 -41.94
CA SER F 33 0.85 9.35 -42.84
C SER F 33 2.21 9.15 -42.20
N ARG F 34 2.98 8.23 -42.78
CA ARG F 34 4.35 8.03 -42.38
C ARG F 34 5.11 9.35 -42.40
N LYS F 35 4.89 10.14 -43.44
CA LYS F 35 5.42 11.48 -43.54
C LYS F 35 4.99 12.33 -42.34
N GLU F 36 3.69 12.35 -42.03
CA GLU F 36 3.21 13.16 -40.91
C GLU F 36 3.69 12.63 -39.57
N LEU F 37 3.70 11.31 -39.41
CA LEU F 37 4.25 10.70 -38.21
C LEU F 37 5.73 11.03 -38.05
N LYS F 38 6.48 11.12 -39.15
CA LYS F 38 7.89 11.41 -39.06
C LYS F 38 8.17 12.85 -38.66
N GLU F 39 7.36 13.80 -39.13
CA GLU F 39 7.52 15.20 -38.72
C GLU F 39 7.17 15.41 -37.26
N LEU F 40 6.07 14.79 -36.79
CA LEU F 40 5.72 14.82 -35.37
C LEU F 40 6.87 14.29 -34.52
N ILE F 41 7.42 13.14 -34.90
CA ILE F 41 8.52 12.55 -34.16
C ILE F 41 9.73 13.45 -34.18
N LYS F 42 10.05 14.00 -35.35
CA LYS F 42 11.28 14.77 -35.46
C LYS F 42 11.16 16.05 -34.64
N LYS F 43 9.98 16.65 -34.62
CA LYS F 43 9.74 17.94 -33.99
C LYS F 43 9.46 17.82 -32.49
N GLU F 44 8.60 16.89 -32.12
CA GLU F 44 7.96 16.87 -30.82
C GLU F 44 8.62 15.92 -29.84
N LEU F 45 9.53 15.08 -30.31
CA LEU F 45 10.13 14.05 -29.48
C LEU F 45 11.65 14.11 -29.66
N SER F 46 12.32 12.99 -29.38
CA SER F 46 13.76 12.88 -29.54
C SER F 46 14.23 11.43 -29.73
N GLU F 49 17.87 11.13 -33.67
CA GLU F 49 18.38 11.02 -35.03
C GLU F 49 17.81 9.72 -35.63
N MET F 50 16.49 9.58 -35.58
CA MET F 50 15.93 8.28 -35.90
C MET F 50 16.20 7.89 -37.36
N LYS F 51 16.40 6.59 -37.59
CA LYS F 51 16.67 6.06 -38.90
C LYS F 51 15.37 5.76 -39.62
N GLU F 52 15.34 6.08 -40.92
CA GLU F 52 14.15 5.75 -41.71
C GLU F 52 13.78 4.29 -41.48
N SER F 53 14.75 3.41 -41.66
CA SER F 53 14.67 2.00 -41.29
C SER F 53 13.83 1.85 -40.03
N SER F 54 14.16 2.61 -39.00
CA SER F 54 13.44 2.51 -37.75
C SER F 54 12.10 3.22 -37.80
N ILE F 55 11.98 4.26 -38.61
CA ILE F 55 10.68 4.92 -38.73
C ILE F 55 9.75 4.11 -39.62
N ASP F 56 10.29 3.18 -40.40
CA ASP F 56 9.44 2.26 -41.15
C ASP F 56 8.97 1.10 -40.27
N ASP F 57 9.81 0.59 -39.39
CA ASP F 57 9.35 -0.50 -38.54
C ASP F 57 8.30 0.00 -37.55
N LEU F 58 8.45 1.23 -37.09
CA LEU F 58 7.47 1.81 -36.18
C LEU F 58 6.11 1.95 -36.85
N MET F 59 6.10 2.49 -38.07
CA MET F 59 4.88 2.63 -38.84
C MET F 59 4.13 1.30 -38.94
N LYS F 60 4.83 0.30 -39.46
CA LYS F 60 4.28 -1.06 -39.53
C LYS F 60 3.76 -1.55 -38.17
N SER F 61 4.54 -1.35 -37.10
CA SER F 61 4.10 -1.84 -35.81
C SER F 61 2.78 -1.18 -35.39
N LEU F 62 2.67 0.11 -35.59
CA LEU F 62 1.49 0.83 -35.09
C LEU F 62 0.28 0.61 -35.98
N ASP F 63 0.48 0.35 -37.26
CA ASP F 63 -0.62 0.32 -38.22
C ASP F 63 -1.33 -1.03 -38.17
N LYS F 64 -2.09 -1.25 -37.12
CA LYS F 64 -2.67 -2.58 -36.92
C LYS F 64 -3.51 -3.01 -38.12
N ASN F 65 -4.13 -2.06 -38.82
CA ASN F 65 -5.06 -2.37 -39.88
C ASN F 65 -4.46 -2.24 -41.28
N SER F 66 -3.14 -2.05 -41.36
CA SER F 66 -2.36 -2.15 -42.59
C SER F 66 -2.68 -1.09 -43.63
N ASP F 67 -3.46 -0.07 -43.28
CA ASP F 67 -3.91 0.88 -44.30
C ASP F 67 -2.92 1.98 -44.59
N GLN F 68 -1.73 1.93 -44.01
CA GLN F 68 -0.67 2.91 -44.21
C GLN F 68 -0.96 4.24 -43.51
N GLU F 69 -1.98 4.30 -42.65
CA GLU F 69 -2.32 5.50 -41.89
C GLU F 69 -2.33 5.15 -40.40
N ILE F 70 -2.04 6.16 -39.58
CA ILE F 70 -2.07 6.03 -38.12
C ILE F 70 -3.28 6.81 -37.61
N ASP F 71 -4.32 6.11 -37.19
CA ASP F 71 -5.48 6.76 -36.57
C ASP F 71 -5.16 7.08 -35.11
N PHE F 72 -6.12 7.71 -34.41
CA PHE F 72 -5.83 8.18 -33.06
C PHE F 72 -5.66 7.04 -32.07
N LYS F 73 -6.37 5.92 -32.27
CA LYS F 73 -6.16 4.76 -31.40
C LYS F 73 -4.77 4.20 -31.60
N GLU F 74 -4.36 3.95 -32.84
CA GLU F 74 -3.01 3.52 -33.16
C GLU F 74 -1.96 4.49 -32.65
N TYR F 75 -2.20 5.79 -32.78
CA TYR F 75 -1.26 6.75 -32.21
C TYR F 75 -1.20 6.66 -30.69
N SER F 76 -2.34 6.35 -30.04
CA SER F 76 -2.32 6.30 -28.57
C SER F 76 -1.47 5.13 -28.07
N VAL F 77 -1.38 4.06 -28.85
CA VAL F 77 -0.44 2.99 -28.54
C VAL F 77 0.99 3.51 -28.56
N PHE F 78 1.30 4.37 -29.54
CA PHE F 78 2.64 4.93 -29.64
C PHE F 78 2.97 5.76 -28.42
N LEU F 79 2.03 6.57 -27.98
CA LEU F 79 2.26 7.40 -26.81
C LEU F 79 2.48 6.55 -25.57
N THR F 80 1.72 5.46 -25.45
CA THR F 80 1.91 4.55 -24.32
C THR F 80 3.30 3.92 -24.34
N MET F 81 3.85 3.66 -25.52
N MET F 81 3.84 3.64 -25.53
CA MET F 81 5.21 3.15 -25.58
CA MET F 81 5.22 3.16 -25.60
C MET F 81 6.21 4.15 -25.02
C MET F 81 6.18 4.17 -24.98
N LEU F 82 6.05 5.43 -25.37
CA LEU F 82 7.01 6.44 -24.93
C LEU F 82 6.92 6.68 -23.44
N SER F 83 5.70 6.65 -22.89
N SER F 83 5.71 6.64 -22.88
CA SER F 83 5.54 6.82 -21.46
CA SER F 83 5.57 6.84 -21.44
C SER F 83 6.09 5.63 -20.69
C SER F 83 6.08 5.63 -20.67
N MET F 84 5.78 4.43 -21.15
CA MET F 84 6.29 3.23 -20.52
C MET F 84 7.80 3.20 -20.52
N ALA F 85 8.43 3.80 -21.53
CA ALA F 85 9.89 3.83 -21.63
C ALA F 85 10.49 4.65 -20.50
N TYR F 86 9.81 5.66 -20.16
CA TYR F 86 10.25 6.48 -19.02
C TYR F 86 9.90 5.75 -17.68
N ASN F 87 8.71 5.23 -17.62
CA ASN F 87 8.27 4.57 -16.40
C ASN F 87 9.19 3.43 -16.01
N ASP F 88 9.71 2.70 -16.99
CA ASP F 88 10.52 1.53 -16.70
C ASP F 88 11.80 1.89 -15.98
N PHE F 89 12.26 3.14 -16.12
CA PHE F 89 13.48 3.65 -15.50
C PHE F 89 13.18 4.86 -14.60
N PHE F 90 11.96 4.92 -14.08
CA PHE F 90 11.54 6.09 -13.32
C PHE F 90 12.45 6.24 -12.11
N LEU F 91 13.00 7.43 -11.94
CA LEU F 91 13.85 7.78 -10.82
C LEU F 91 13.10 8.81 -9.99
N GLU F 92 12.64 8.40 -8.81
CA GLU F 92 11.69 9.22 -8.07
C GLU F 92 12.38 10.33 -7.32
N ASP F 93 13.65 10.15 -6.99
CA ASP F 93 14.41 11.10 -6.22
C ASP F 93 15.13 12.08 -7.11
N ASN F 94 15.04 11.90 -8.43
CA ASN F 94 15.86 12.63 -9.39
C ASN F 94 15.02 12.84 -10.64
N LYS F 95 14.09 13.79 -10.53
CA LYS F 95 13.03 13.98 -11.50
C LYS F 95 13.23 15.14 -12.48
#